data_2P8E
#
_entry.id   2P8E
#
_cell.length_a   52.399
_cell.length_b   92.315
_cell.length_c   118.713
_cell.angle_alpha   90.000
_cell.angle_beta   90.000
_cell.angle_gamma   90.000
#
_symmetry.space_group_name_H-M   'P 21 21 21'
#
loop_
_entity.id
_entity.type
_entity.pdbx_description
1 polymer 'PPM1B beta isoform variant 6'
2 non-polymer 'MAGNESIUM ION'
3 water water
#
_entity_poly.entity_id   1
_entity_poly.type   'polypeptide(L)'
_entity_poly.pdbx_seq_one_letter_code
;MSLGAFLDKPKTEKHNAHGAGNGLRYGLSSMQGWRVEMEDAHTAVVGIPHGLEDWSFFAVYDGHAGSRVANYCSTHLLEH
ITTNEDFRAAGKSGSALELSVENVKNGIRTGFLKIDEYMRNFSDLRNGMDRSGSTAVGVMISPKHIYFINCGDSRAVLYR
NGQVCFSTQDHKPCNPREKERIQNAGGSVMIQRVNGSLAVSRALGDYDYKCVDGKGPTEQLVSPEPEVYEILRAEEDEFI
ILA(OCS)DGIWDVMSNEELCEYVKSRLEVSDDLENVCNWVVDTCLHKGSRDNMSIVLVCFSNEGHHHHHH
;
_entity_poly.pdbx_strand_id   A,B
#
# COMPACT_ATOMS: atom_id res chain seq x y z
N PHE A 6 41.40 9.12 -22.40
CA PHE A 6 41.78 8.13 -21.32
C PHE A 6 43.08 8.47 -20.62
N LEU A 7 43.08 8.30 -19.30
CA LEU A 7 44.27 8.46 -18.47
C LEU A 7 45.15 7.22 -18.66
N ASP A 8 46.37 7.32 -18.12
CA ASP A 8 47.38 6.27 -18.08
CA ASP A 8 47.26 6.17 -18.17
C ASP A 8 47.14 5.32 -16.92
N LYS A 9 46.43 5.83 -15.93
CA LYS A 9 46.11 5.12 -14.67
C LYS A 9 44.75 5.67 -14.18
N PRO A 10 43.82 4.77 -13.84
CA PRO A 10 42.49 5.31 -13.50
C PRO A 10 42.48 6.03 -12.15
N LYS A 11 41.64 7.04 -12.02
CA LYS A 11 41.41 7.69 -10.74
C LYS A 11 40.27 6.90 -10.09
N THR A 12 40.62 6.10 -9.07
CA THR A 12 39.69 5.12 -8.53
C THR A 12 39.00 5.61 -7.25
N GLU A 13 39.33 6.83 -6.84
CA GLU A 13 38.67 7.51 -5.72
C GLU A 13 37.15 7.59 -5.98
N LYS A 14 36.38 7.23 -4.95
CA LYS A 14 34.91 7.20 -5.05
C LYS A 14 34.35 8.40 -4.31
N HIS A 15 33.26 8.95 -4.83
CA HIS A 15 32.43 9.83 -4.01
C HIS A 15 31.18 9.04 -3.61
N ASN A 16 30.80 9.12 -2.34
CA ASN A 16 29.72 8.32 -1.84
C ASN A 16 28.71 9.20 -1.13
N ALA A 17 27.46 8.76 -1.16
CA ALA A 17 26.45 9.38 -0.26
C ALA A 17 25.44 8.31 0.11
N HIS A 18 24.62 8.56 1.14
CA HIS A 18 23.55 7.60 1.50
C HIS A 18 22.53 8.34 2.28
N GLY A 19 21.38 7.71 2.51
CA GLY A 19 20.30 8.32 3.27
C GLY A 19 19.14 7.38 3.41
N ALA A 20 18.13 7.82 4.16
CA ALA A 20 17.00 6.95 4.45
C ALA A 20 15.75 7.77 4.69
N GLY A 21 14.62 7.18 4.31
CA GLY A 21 13.34 7.82 4.59
C GLY A 21 12.31 7.31 3.62
N ASN A 22 11.05 7.61 3.93
CA ASN A 22 9.93 7.17 3.09
C ASN A 22 9.95 5.67 2.78
N GLY A 23 10.44 4.87 3.73
CA GLY A 23 10.52 3.40 3.58
C GLY A 23 11.57 2.92 2.60
N LEU A 24 12.54 3.80 2.30
CA LEU A 24 13.69 3.48 1.45
C LEU A 24 15.00 3.77 2.18
N ARG A 25 16.07 3.16 1.69
CA ARG A 25 17.44 3.51 2.07
C ARG A 25 18.19 3.54 0.74
N TYR A 26 19.14 4.47 0.59
CA TYR A 26 19.92 4.50 -0.66
C TYR A 26 21.41 4.61 -0.36
N GLY A 27 22.20 4.18 -1.32
CA GLY A 27 23.61 4.46 -1.33
C GLY A 27 23.96 4.82 -2.75
N LEU A 28 25.06 5.55 -2.90
CA LEU A 28 25.52 5.83 -4.23
C LEU A 28 27.02 5.91 -4.23
N SER A 29 27.60 5.72 -5.42
CA SER A 29 29.05 5.77 -5.65
C SER A 29 29.28 6.30 -7.06
N SER A 30 30.18 7.27 -7.19
CA SER A 30 30.68 7.70 -8.50
C SER A 30 32.21 7.70 -8.53
N MET A 31 32.79 7.35 -9.69
CA MET A 31 34.23 7.22 -9.87
C MET A 31 34.56 7.72 -11.29
N GLN A 32 35.63 8.51 -11.39
CA GLN A 32 36.13 8.97 -12.68
C GLN A 32 36.68 7.83 -13.55
N GLY A 33 37.47 6.94 -12.95
CA GLY A 33 37.93 5.74 -13.64
C GLY A 33 39.01 6.10 -14.65
N TRP A 34 39.03 5.42 -15.79
CA TRP A 34 40.05 5.68 -16.83
C TRP A 34 39.93 7.01 -17.60
N ARG A 35 38.75 7.63 -17.64
CA ARG A 35 38.57 8.86 -18.44
C ARG A 35 39.31 10.10 -17.88
N VAL A 36 39.74 10.98 -18.78
CA VAL A 36 40.48 12.19 -18.40
C VAL A 36 39.60 13.20 -17.62
N GLU A 37 38.30 13.21 -17.91
CA GLU A 37 37.39 14.11 -17.18
C GLU A 37 36.31 13.33 -16.42
N MET A 38 35.76 13.96 -15.38
CA MET A 38 34.55 13.43 -14.71
C MET A 38 33.39 14.28 -15.19
N GLU A 39 32.43 13.65 -15.83
CA GLU A 39 31.28 14.39 -16.37
C GLU A 39 29.94 13.75 -15.96
N ASP A 40 29.93 12.98 -14.88
CA ASP A 40 28.69 12.38 -14.37
C ASP A 40 28.16 13.27 -13.24
N ALA A 41 26.87 13.20 -12.99
CA ALA A 41 26.31 13.84 -11.80
C ALA A 41 25.14 12.97 -11.30
N HIS A 42 24.55 13.31 -10.15
CA HIS A 42 23.41 12.55 -9.65
C HIS A 42 22.49 13.43 -8.82
N THR A 43 21.26 12.95 -8.55
CA THR A 43 20.29 13.60 -7.68
C THR A 43 19.75 12.53 -6.73
N ALA A 44 19.69 12.82 -5.44
CA ALA A 44 19.07 11.90 -4.52
C ALA A 44 18.25 12.70 -3.53
N VAL A 45 16.94 12.62 -3.65
CA VAL A 45 16.06 13.42 -2.79
C VAL A 45 15.04 12.50 -2.13
N VAL A 46 15.15 12.32 -0.82
CA VAL A 46 14.12 11.55 -0.11
C VAL A 46 13.23 12.58 0.57
N GLY A 47 11.98 12.68 0.09
CA GLY A 47 11.05 13.67 0.58
C GLY A 47 11.18 14.96 -0.22
N ILE A 48 10.38 15.08 -1.27
CA ILE A 48 10.48 16.22 -2.15
C ILE A 48 9.75 17.38 -1.45
N PRO A 49 10.44 18.53 -1.30
CA PRO A 49 9.85 19.61 -0.50
C PRO A 49 8.75 20.36 -1.26
N HIS A 50 8.08 21.28 -0.56
CA HIS A 50 6.98 22.08 -1.12
C HIS A 50 5.83 21.18 -1.58
N GLY A 51 5.47 20.18 -0.79
CA GLY A 51 4.26 19.39 -1.08
C GLY A 51 4.40 17.91 -1.43
N LEU A 52 5.60 17.48 -1.81
CA LEU A 52 5.76 16.12 -2.29
C LEU A 52 6.57 15.30 -1.30
N GLU A 53 6.29 15.53 -0.02
CA GLU A 53 7.12 14.99 1.05
C GLU A 53 7.07 13.46 1.16
N ASP A 54 5.96 12.87 0.72
CA ASP A 54 5.79 11.41 0.62
C ASP A 54 6.47 10.84 -0.61
N TRP A 55 7.12 11.68 -1.44
CA TRP A 55 7.77 11.19 -2.65
C TRP A 55 9.29 11.29 -2.56
N SER A 56 9.96 10.52 -3.43
CA SER A 56 11.41 10.54 -3.59
C SER A 56 11.79 10.57 -5.07
N PHE A 57 12.99 11.08 -5.33
CA PHE A 57 13.51 11.13 -6.70
C PHE A 57 15.02 10.84 -6.71
N PHE A 58 15.47 10.02 -7.65
CA PHE A 58 16.87 9.62 -7.73
C PHE A 58 17.15 9.63 -9.22
N ALA A 59 18.34 10.06 -9.59
CA ALA A 59 18.72 10.13 -10.99
C ALA A 59 20.24 10.08 -11.14
N VAL A 60 20.66 9.60 -12.30
CA VAL A 60 22.05 9.58 -12.74
C VAL A 60 22.11 10.28 -14.09
N TYR A 61 23.08 11.15 -14.26
CA TYR A 61 23.28 11.93 -15.49
C TYR A 61 24.68 11.64 -16.00
N ASP A 62 24.74 11.08 -17.20
CA ASP A 62 26.00 10.75 -17.84
C ASP A 62 26.29 11.80 -18.91
N GLY A 63 27.14 12.76 -18.54
CA GLY A 63 27.52 13.88 -19.43
C GLY A 63 28.50 13.42 -20.50
N HIS A 64 28.53 14.15 -21.62
CA HIS A 64 29.54 13.98 -22.68
C HIS A 64 29.87 15.35 -23.29
N ALA A 65 31.09 15.50 -23.81
CA ALA A 65 31.56 16.78 -24.36
C ALA A 65 31.48 17.88 -23.31
N GLY A 66 31.65 17.49 -22.04
CA GLY A 66 31.68 18.45 -20.92
C GLY A 66 30.72 18.05 -19.79
N SER A 67 30.85 18.74 -18.65
CA SER A 67 30.02 18.49 -17.48
C SER A 67 28.79 19.43 -17.32
N ARG A 68 28.74 20.50 -18.10
CA ARG A 68 27.87 21.63 -17.77
C ARG A 68 26.39 21.21 -17.76
N VAL A 69 25.98 20.49 -18.79
CA VAL A 69 24.59 20.01 -18.86
C VAL A 69 24.24 18.98 -17.74
N ALA A 70 25.06 17.94 -17.60
CA ALA A 70 24.91 16.97 -16.49
C ALA A 70 24.76 17.68 -15.11
N ASN A 71 25.63 18.64 -14.82
CA ASN A 71 25.67 19.32 -13.53
C ASN A 71 24.38 20.11 -13.31
N TYR A 72 23.96 20.87 -14.32
CA TYR A 72 22.75 21.67 -14.20
C TYR A 72 21.48 20.79 -14.01
N CYS A 73 21.36 19.71 -14.79
CA CYS A 73 20.28 18.77 -14.60
C CYS A 73 20.23 18.27 -13.17
N SER A 74 21.39 17.92 -12.62
CA SER A 74 21.43 17.29 -11.30
C SER A 74 20.78 18.15 -10.20
N THR A 75 20.80 19.46 -10.40
CA THR A 75 20.29 20.41 -9.41
C THR A 75 19.05 21.19 -9.85
N HIS A 76 18.52 20.88 -11.04
CA HIS A 76 17.38 21.65 -11.62
C HIS A 76 16.30 20.83 -12.33
N LEU A 77 16.60 19.60 -12.71
CA LEU A 77 15.58 18.83 -13.44
C LEU A 77 14.34 18.59 -12.58
N LEU A 78 14.54 18.25 -11.31
CA LEU A 78 13.41 17.90 -10.47
C LEU A 78 12.47 19.08 -10.39
N GLU A 79 13.03 20.29 -10.22
CA GLU A 79 12.26 21.53 -10.17
C GLU A 79 11.47 21.74 -11.45
N HIS A 80 12.13 21.52 -12.57
CA HIS A 80 11.49 21.66 -13.85
C HIS A 80 10.31 20.70 -14.06
N ILE A 81 10.45 19.49 -13.54
CA ILE A 81 9.37 18.51 -13.55
C ILE A 81 8.19 18.90 -12.66
N THR A 82 8.47 19.28 -11.41
CA THR A 82 7.42 19.39 -10.41
C THR A 82 6.70 20.75 -10.43
N THR A 83 7.24 21.76 -11.11
CA THR A 83 6.62 23.09 -11.07
C THR A 83 5.94 23.53 -12.37
N ASN A 84 5.94 22.68 -13.40
CA ASN A 84 5.25 23.04 -14.64
C ASN A 84 3.72 22.78 -14.57
N GLU A 85 2.97 23.38 -15.50
CA GLU A 85 1.51 23.27 -15.42
C GLU A 85 0.96 21.88 -15.73
N ASP A 86 1.70 21.09 -16.49
CA ASP A 86 1.31 19.69 -16.73
C ASP A 86 1.39 18.83 -15.46
N PHE A 87 2.46 18.98 -14.69
CA PHE A 87 2.59 18.31 -13.38
C PHE A 87 1.61 18.83 -12.31
N ARG A 88 1.47 20.16 -12.21
CA ARG A 88 0.69 20.81 -11.16
C ARG A 88 -0.82 20.68 -11.42
N SER A 100 -2.73 12.15 -10.44
CA SER A 100 -2.99 11.14 -11.47
C SER A 100 -1.74 10.79 -12.27
N VAL A 101 -1.72 9.54 -12.74
CA VAL A 101 -0.59 8.93 -13.46
C VAL A 101 -0.30 9.64 -14.78
N GLU A 102 -1.36 9.83 -15.55
CA GLU A 102 -1.37 10.65 -16.75
C GLU A 102 -0.64 12.00 -16.54
N ASN A 103 -1.10 12.79 -15.58
CA ASN A 103 -0.48 14.10 -15.28
C ASN A 103 0.97 14.04 -14.81
N VAL A 104 1.31 13.05 -13.98
CA VAL A 104 2.72 12.89 -13.57
C VAL A 104 3.62 12.60 -14.78
N LYS A 105 3.17 11.69 -15.64
CA LYS A 105 3.91 11.33 -16.83
C LYS A 105 4.07 12.52 -17.78
N ASN A 106 3.00 13.30 -17.97
CA ASN A 106 3.08 14.51 -18.81
C ASN A 106 3.97 15.57 -18.19
N GLY A 107 3.92 15.68 -16.85
CA GLY A 107 4.69 16.65 -16.11
C GLY A 107 6.17 16.36 -16.27
N ILE A 108 6.53 15.08 -16.16
CA ILE A 108 7.90 14.64 -16.42
C ILE A 108 8.35 14.97 -17.86
N ARG A 109 7.53 14.60 -18.85
CA ARG A 109 7.83 14.95 -20.23
C ARG A 109 8.00 16.47 -20.40
N THR A 110 7.08 17.24 -19.87
CA THR A 110 7.15 18.71 -19.97
C THR A 110 8.42 19.27 -19.31
N GLY A 111 8.85 18.67 -18.20
CA GLY A 111 10.04 19.11 -17.46
C GLY A 111 11.29 18.95 -18.30
N PHE A 112 11.39 17.80 -18.98
CA PHE A 112 12.51 17.52 -19.83
C PHE A 112 12.55 18.55 -20.97
N LEU A 113 11.43 18.74 -21.66
CA LEU A 113 11.42 19.70 -22.76
C LEU A 113 11.78 21.14 -22.35
N LYS A 114 11.22 21.59 -21.23
CA LYS A 114 11.47 22.95 -20.71
C LYS A 114 12.90 23.15 -20.24
N ILE A 115 13.48 22.16 -19.55
CA ILE A 115 14.88 22.33 -19.15
C ILE A 115 15.77 22.33 -20.41
N ASP A 116 15.45 21.53 -21.43
CA ASP A 116 16.32 21.48 -22.62
C ASP A 116 16.30 22.85 -23.33
N GLU A 117 15.12 23.46 -23.37
CA GLU A 117 14.97 24.78 -23.97
C GLU A 117 15.65 25.86 -23.14
N TYR A 118 15.50 25.77 -21.82
CA TYR A 118 16.06 26.77 -20.87
C TYR A 118 17.58 26.76 -20.95
N MET A 119 18.15 25.57 -20.82
CA MET A 119 19.61 25.46 -20.81
C MET A 119 20.19 26.07 -22.09
N ARG A 120 19.55 25.78 -23.23
CA ARG A 120 19.93 26.35 -24.51
C ARG A 120 20.21 27.88 -24.45
N ASN A 121 19.49 28.60 -23.59
CA ASN A 121 19.62 30.06 -23.42
C ASN A 121 20.77 30.57 -22.54
N PHE A 122 21.48 29.68 -21.88
CA PHE A 122 22.63 30.14 -21.10
C PHE A 122 23.71 30.67 -22.04
N SER A 123 24.45 31.69 -21.58
CA SER A 123 25.49 32.34 -22.37
C SER A 123 26.55 31.35 -22.86
N ASP A 124 26.94 30.39 -22.03
CA ASP A 124 27.92 29.37 -22.46
C ASP A 124 27.39 28.31 -23.46
N LEU A 125 26.06 28.13 -23.53
CA LEU A 125 25.47 27.13 -24.42
C LEU A 125 25.05 27.67 -25.78
N ARG A 126 24.73 28.96 -25.83
CA ARG A 126 24.36 29.66 -27.07
C ARG A 126 25.43 29.54 -28.12
N ASP A 130 30.00 26.15 -25.21
CA ASP A 130 29.94 24.85 -24.53
C ASP A 130 29.12 23.91 -25.40
N ARG A 131 29.58 22.70 -25.56
CA ARG A 131 28.93 21.78 -26.50
C ARG A 131 28.44 20.50 -25.80
N SER A 132 28.18 20.59 -24.50
CA SER A 132 27.94 19.39 -23.70
C SER A 132 26.52 18.86 -23.89
N GLY A 133 26.36 17.59 -23.54
CA GLY A 133 25.04 16.98 -23.50
C GLY A 133 25.05 16.05 -22.29
N SER A 134 23.91 15.44 -21.99
CA SER A 134 23.82 14.46 -20.91
C SER A 134 22.64 13.54 -21.12
N THR A 135 22.84 12.29 -20.74
CA THR A 135 21.75 11.35 -20.56
C THR A 135 21.11 11.67 -19.23
N ALA A 136 19.93 11.11 -19.00
CA ALA A 136 19.32 11.19 -17.71
C ALA A 136 18.48 9.94 -17.50
N VAL A 137 18.66 9.31 -16.34
CA VAL A 137 17.82 8.18 -15.95
C VAL A 137 17.41 8.48 -14.53
N GLY A 138 16.15 8.25 -14.19
CA GLY A 138 15.72 8.47 -12.81
C GLY A 138 14.50 7.67 -12.42
N VAL A 139 14.15 7.75 -11.15
CA VAL A 139 12.87 7.25 -10.69
C VAL A 139 12.22 8.28 -9.79
N MET A 140 10.92 8.52 -9.98
CA MET A 140 10.13 9.27 -9.02
C MET A 140 9.31 8.21 -8.28
N ILE A 141 9.52 8.11 -6.98
CA ILE A 141 8.85 7.09 -6.17
C ILE A 141 7.74 7.75 -5.32
N SER A 142 6.50 7.37 -5.63
CA SER A 142 5.36 7.83 -4.85
C SER A 142 4.91 6.75 -3.85
N PRO A 143 3.94 7.07 -2.99
CA PRO A 143 3.48 6.00 -2.11
C PRO A 143 2.95 4.77 -2.86
N LYS A 144 2.40 4.94 -4.06
CA LYS A 144 1.77 3.85 -4.77
C LYS A 144 2.46 3.38 -6.03
N HIS A 145 3.24 4.27 -6.65
CA HIS A 145 3.84 3.98 -7.96
C HIS A 145 5.35 4.22 -7.96
N ILE A 146 6.05 3.52 -8.85
CA ILE A 146 7.38 3.93 -9.27
C ILE A 146 7.27 4.44 -10.70
N TYR A 147 7.74 5.65 -10.97
CA TYR A 147 7.86 6.17 -12.34
C TYR A 147 9.32 6.07 -12.82
N PHE A 148 9.60 5.14 -13.73
CA PHE A 148 10.93 5.04 -14.33
C PHE A 148 11.02 6.05 -15.48
N ILE A 149 12.14 6.75 -15.56
CA ILE A 149 12.29 7.88 -16.49
C ILE A 149 13.58 7.63 -17.20
N ASN A 150 13.55 7.67 -18.51
CA ASN A 150 14.81 7.51 -19.21
C ASN A 150 14.97 8.33 -20.47
N CYS A 151 16.17 8.90 -20.62
CA CYS A 151 16.51 9.68 -21.79
C CYS A 151 17.99 9.46 -22.03
N GLY A 152 18.30 8.57 -22.98
CA GLY A 152 19.69 8.16 -23.24
C GLY A 152 19.98 6.66 -22.99
N ASP A 153 21.24 6.34 -22.79
CA ASP A 153 21.68 4.95 -22.60
C ASP A 153 22.18 4.59 -21.19
N SER A 154 21.83 5.40 -20.21
CA SER A 154 21.88 4.98 -18.81
C SER A 154 20.63 4.09 -18.64
N ARG A 155 20.47 3.44 -17.49
CA ARG A 155 19.39 2.45 -17.36
C ARG A 155 19.01 2.26 -15.91
N ALA A 156 17.73 2.05 -15.69
CA ALA A 156 17.25 1.73 -14.35
C ALA A 156 16.60 0.35 -14.42
N VAL A 157 16.79 -0.41 -13.35
CA VAL A 157 16.33 -1.80 -13.28
CA VAL A 157 16.28 -1.79 -13.29
C VAL A 157 15.66 -2.06 -11.92
N LEU A 158 14.56 -2.81 -11.90
CA LEU A 158 13.91 -3.10 -10.61
C LEU A 158 14.09 -4.60 -10.31
N TYR A 159 14.49 -4.91 -9.08
CA TYR A 159 14.49 -6.31 -8.61
C TYR A 159 13.31 -6.52 -7.66
N ARG A 160 12.49 -7.54 -7.94
CA ARG A 160 11.30 -7.80 -7.12
C ARG A 160 11.09 -9.31 -7.01
N ASN A 161 10.78 -9.80 -5.79
CA ASN A 161 10.52 -11.25 -5.58
C ASN A 161 11.66 -12.14 -6.10
N GLY A 162 12.89 -11.67 -5.95
CA GLY A 162 14.06 -12.43 -6.40
C GLY A 162 14.28 -12.58 -7.90
N GLN A 163 13.67 -11.70 -8.69
CA GLN A 163 13.91 -11.64 -10.15
C GLN A 163 14.02 -10.19 -10.65
N VAL A 164 14.75 -9.99 -11.74
CA VAL A 164 14.64 -8.73 -12.50
C VAL A 164 13.18 -8.59 -12.94
N CYS A 165 12.58 -7.45 -12.63
CA CYS A 165 11.16 -7.24 -12.86
C CYS A 165 10.89 -6.21 -13.98
N PHE A 166 11.80 -5.27 -14.12
CA PHE A 166 11.58 -4.18 -15.06
C PHE A 166 12.92 -3.59 -15.42
N SER A 167 13.04 -3.14 -16.67
CA SER A 167 14.22 -2.40 -17.14
C SER A 167 13.76 -1.27 -18.08
N THR A 168 14.42 -0.12 -18.00
CA THR A 168 14.21 0.95 -18.99
C THR A 168 14.88 0.51 -20.32
N GLN A 169 14.54 1.17 -21.42
CA GLN A 169 15.07 0.80 -22.74
C GLN A 169 16.10 1.82 -23.16
N ASP A 170 17.32 1.36 -23.43
CA ASP A 170 18.40 2.28 -23.84
C ASP A 170 18.08 2.97 -25.18
N HIS A 171 18.36 4.26 -25.26
CA HIS A 171 18.12 5.02 -26.50
C HIS A 171 19.35 5.03 -27.37
N LYS A 172 19.42 4.05 -28.28
CA LYS A 172 20.57 3.85 -29.16
C LYS A 172 20.17 4.21 -30.57
N PRO A 173 21.09 4.82 -31.36
CA PRO A 173 20.77 5.25 -32.75
C PRO A 173 20.26 4.10 -33.63
N CYS A 174 20.80 2.89 -33.44
CA CYS A 174 20.36 1.71 -34.21
C CYS A 174 18.97 1.19 -33.92
N ASN A 175 18.36 1.59 -32.80
CA ASN A 175 16.99 1.16 -32.50
C ASN A 175 16.05 1.62 -33.59
N PRO A 176 15.10 0.75 -33.99
CA PRO A 176 14.19 1.01 -35.11
C PRO A 176 13.57 2.40 -35.13
N ARG A 177 12.86 2.79 -34.07
CA ARG A 177 12.16 4.08 -34.10
C ARG A 177 13.10 5.29 -33.93
N GLU A 178 14.27 5.05 -33.34
CA GLU A 178 15.29 6.09 -33.18
C GLU A 178 15.94 6.36 -34.54
N LYS A 179 16.32 5.28 -35.22
CA LYS A 179 16.80 5.35 -36.60
C LYS A 179 15.82 6.07 -37.55
N GLU A 180 14.53 5.76 -37.42
CA GLU A 180 13.51 6.40 -38.26
C GLU A 180 13.47 7.92 -38.07
N ARG A 181 13.47 8.37 -36.81
CA ARG A 181 13.44 9.79 -36.49
C ARG A 181 14.69 10.45 -37.04
N ILE A 182 15.83 9.83 -36.80
CA ILE A 182 17.12 10.37 -37.24
C ILE A 182 17.08 10.56 -38.77
N GLN A 183 16.60 9.54 -39.49
CA GLN A 183 16.52 9.60 -40.96
C GLN A 183 15.56 10.67 -41.44
N ASN A 184 14.41 10.74 -40.78
CA ASN A 184 13.42 11.78 -41.06
C ASN A 184 13.98 13.18 -40.82
N ALA A 185 15.02 13.32 -39.99
CA ALA A 185 15.61 14.66 -39.71
C ALA A 185 16.79 14.94 -40.64
N GLY A 186 17.03 14.05 -41.58
CA GLY A 186 18.04 14.28 -42.60
C GLY A 186 19.39 13.72 -42.23
N GLY A 187 19.47 12.98 -41.12
CA GLY A 187 20.74 12.36 -40.72
C GLY A 187 20.82 10.93 -41.22
N SER A 188 21.85 10.23 -40.79
CA SER A 188 21.96 8.80 -41.03
C SER A 188 22.57 8.18 -39.78
N VAL A 189 22.41 6.87 -39.63
CA VAL A 189 23.11 6.12 -38.58
C VAL A 189 24.28 5.38 -39.23
N MET A 190 25.49 5.78 -38.86
CA MET A 190 26.74 5.19 -39.37
C MET A 190 27.58 4.77 -38.18
N ILE A 191 28.14 3.57 -38.24
CA ILE A 191 28.93 2.98 -37.14
C ILE A 191 28.13 3.06 -35.82
N GLN A 192 26.83 2.76 -35.93
CA GLN A 192 25.90 2.71 -34.78
C GLN A 192 25.74 4.07 -34.03
N ARG A 193 26.11 5.17 -34.70
CA ARG A 193 26.10 6.51 -34.10
C ARG A 193 25.36 7.52 -34.98
N VAL A 194 24.75 8.52 -34.31
CA VAL A 194 24.10 9.63 -35.01
C VAL A 194 25.10 10.36 -35.90
N ASN A 195 24.85 10.30 -37.22
CA ASN A 195 25.74 10.90 -38.22
C ASN A 195 27.18 10.48 -38.00
N GLY A 196 27.35 9.28 -37.42
CA GLY A 196 28.65 8.66 -37.14
C GLY A 196 29.42 9.23 -35.96
N SER A 197 28.80 10.09 -35.16
CA SER A 197 29.45 10.71 -34.02
C SER A 197 28.82 10.36 -32.69
N LEU A 198 27.53 10.70 -32.48
CA LEU A 198 26.90 10.52 -31.15
C LEU A 198 26.33 9.11 -30.88
N ALA A 199 26.69 8.51 -29.75
CA ALA A 199 26.35 7.10 -29.44
C ALA A 199 25.02 6.91 -28.70
N VAL A 200 24.30 8.02 -28.51
CA VAL A 200 22.96 8.02 -27.91
CA VAL A 200 22.98 7.99 -27.92
C VAL A 200 22.03 8.78 -28.83
N SER A 201 20.77 8.36 -28.89
CA SER A 201 19.83 9.00 -29.79
C SER A 201 18.91 9.96 -29.01
N ARG A 202 19.04 9.96 -27.69
CA ARG A 202 18.31 10.88 -26.83
C ARG A 202 19.23 11.42 -25.74
N ALA A 203 19.11 12.71 -25.49
CA ALA A 203 19.89 13.40 -24.46
C ALA A 203 19.40 14.83 -24.26
N LEU A 204 19.74 15.40 -23.10
CA LEU A 204 19.64 16.84 -22.88
C LEU A 204 20.93 17.49 -23.42
N GLY A 205 20.83 18.76 -23.79
CA GLY A 205 21.97 19.45 -24.39
C GLY A 205 22.23 18.93 -25.77
N ASP A 206 23.50 18.87 -26.17
CA ASP A 206 23.87 18.42 -27.51
C ASP A 206 23.22 19.24 -28.62
N TYR A 207 23.22 20.56 -28.46
CA TYR A 207 22.41 21.41 -29.32
C TYR A 207 22.82 21.38 -30.80
N ASP A 208 24.06 20.97 -31.13
CA ASP A 208 24.47 20.81 -32.57
C ASP A 208 23.58 19.80 -33.33
N TYR A 209 22.92 18.94 -32.57
CA TYR A 209 22.04 17.89 -33.11
C TYR A 209 20.59 18.27 -33.02
N LYS A 210 20.31 19.53 -32.73
CA LYS A 210 18.93 19.94 -32.53
C LYS A 210 18.67 21.25 -33.28
N CYS A 211 19.27 21.37 -34.46
CA CYS A 211 19.18 22.56 -35.32
C CYS A 211 18.56 22.19 -36.68
N VAL A 212 17.76 21.14 -36.72
CA VAL A 212 17.18 20.75 -38.00
C VAL A 212 15.98 21.66 -38.29
N ASP A 213 15.99 22.32 -39.45
CA ASP A 213 14.87 23.23 -39.80
C ASP A 213 13.54 22.46 -39.90
N GLY A 214 12.44 23.06 -39.46
CA GLY A 214 11.11 22.49 -39.74
C GLY A 214 10.70 21.32 -38.88
N LYS A 215 11.46 21.04 -37.82
CA LYS A 215 11.18 19.89 -36.95
C LYS A 215 11.07 20.38 -35.52
N GLY A 216 10.09 19.86 -34.77
CA GLY A 216 9.95 20.23 -33.35
C GLY A 216 11.04 19.64 -32.46
N PRO A 217 11.09 20.02 -31.16
CA PRO A 217 12.12 19.51 -30.25
C PRO A 217 12.22 17.97 -30.23
N THR A 218 11.08 17.27 -30.34
CA THR A 218 11.09 15.81 -30.23
C THR A 218 11.35 15.11 -31.57
N GLU A 219 11.49 15.89 -32.65
CA GLU A 219 11.76 15.37 -33.99
C GLU A 219 13.19 15.65 -34.50
N GLN A 220 14.05 16.11 -33.61
CA GLN A 220 15.43 16.45 -33.95
C GLN A 220 16.34 15.22 -34.11
N LEU A 221 17.56 15.42 -34.61
CA LEU A 221 18.54 14.31 -34.68
C LEU A 221 18.71 13.59 -33.34
N VAL A 222 18.79 14.38 -32.25
CA VAL A 222 18.80 13.86 -30.90
C VAL A 222 17.61 14.48 -30.16
N SER A 223 16.81 13.65 -29.52
CA SER A 223 15.63 14.11 -28.84
C SER A 223 15.78 14.18 -27.29
N PRO A 224 15.25 15.25 -26.67
CA PRO A 224 15.25 15.36 -25.19
C PRO A 224 14.01 14.71 -24.54
N GLU A 225 13.13 14.10 -25.37
CA GLU A 225 11.88 13.52 -24.87
C GLU A 225 12.20 12.27 -24.04
N PRO A 226 11.76 12.22 -22.78
CA PRO A 226 12.06 10.98 -22.01
C PRO A 226 10.98 9.95 -22.26
N GLU A 227 11.29 8.67 -22.01
CA GLU A 227 10.27 7.63 -21.95
C GLU A 227 9.94 7.45 -20.47
N VAL A 228 8.67 7.33 -20.16
CA VAL A 228 8.28 7.22 -18.76
C VAL A 228 7.43 5.99 -18.60
N TYR A 229 7.82 5.13 -17.66
CA TYR A 229 7.16 3.85 -17.41
C TYR A 229 6.65 3.84 -15.98
N GLU A 230 5.34 3.78 -15.78
CA GLU A 230 4.85 3.73 -14.41
C GLU A 230 4.52 2.28 -14.00
N ILE A 231 4.91 1.94 -12.78
CA ILE A 231 4.83 0.58 -12.23
C ILE A 231 4.15 0.63 -10.87
N LEU A 232 3.08 -0.14 -10.66
CA LEU A 232 2.50 -0.23 -9.33
C LEU A 232 3.53 -0.80 -8.36
N ARG A 233 3.63 -0.19 -7.18
CA ARG A 233 4.51 -0.73 -6.12
C ARG A 233 3.93 -2.01 -5.51
N ALA A 234 4.81 -2.92 -5.13
CA ALA A 234 4.42 -4.19 -4.49
C ALA A 234 5.25 -4.40 -3.25
N GLU A 235 4.66 -5.12 -2.30
CA GLU A 235 5.30 -5.45 -1.06
C GLU A 235 6.58 -6.23 -1.34
N GLU A 236 6.63 -6.90 -2.47
CA GLU A 236 7.79 -7.72 -2.85
C GLU A 236 8.94 -6.93 -3.50
N ASP A 237 8.77 -5.61 -3.66
CA ASP A 237 9.82 -4.79 -4.26
C ASP A 237 11.08 -4.88 -3.39
N GLU A 238 12.22 -5.10 -4.01
CA GLU A 238 13.44 -5.23 -3.19
C GLU A 238 14.39 -4.05 -3.34
N PHE A 239 14.77 -3.80 -4.58
CA PHE A 239 15.66 -2.66 -4.86
C PHE A 239 15.63 -2.21 -6.33
N ILE A 240 16.00 -0.95 -6.55
CA ILE A 240 16.19 -0.38 -7.87
C ILE A 240 17.66 -0.02 -8.03
N ILE A 241 18.24 -0.30 -9.20
CA ILE A 241 19.59 0.18 -9.52
C ILE A 241 19.51 1.20 -10.65
N LEU A 242 20.18 2.34 -10.48
CA LEU A 242 20.34 3.32 -11.58
C LEU A 242 21.82 3.39 -11.82
N ALA A 243 22.22 3.28 -13.07
CA ALA A 243 23.64 3.36 -13.41
C ALA A 243 23.77 3.74 -14.85
N ASP A 245 26.07 3.71 -18.66
CA ASP A 245 26.59 2.69 -19.59
C ASP A 245 27.99 2.15 -19.23
N GLY A 246 28.77 2.87 -18.45
CA GLY A 246 30.05 2.35 -18.00
C GLY A 246 29.90 1.15 -17.07
N ILE A 247 28.73 1.00 -16.46
CA ILE A 247 28.40 -0.18 -15.66
C ILE A 247 27.74 -1.26 -16.52
N TRP A 248 26.68 -0.87 -17.22
CA TRP A 248 25.89 -1.79 -18.00
C TRP A 248 26.64 -2.41 -19.16
N ASP A 249 27.68 -1.73 -19.64
CA ASP A 249 28.59 -2.25 -20.68
C ASP A 249 29.24 -3.60 -20.31
N VAL A 250 29.46 -3.83 -19.02
CA VAL A 250 30.22 -5.03 -18.60
C VAL A 250 29.40 -5.98 -17.72
N MET A 251 28.17 -5.57 -17.35
CA MET A 251 27.29 -6.42 -16.54
C MET A 251 25.85 -6.39 -17.09
N SER A 252 25.22 -7.55 -17.24
CA SER A 252 23.82 -7.61 -17.67
C SER A 252 22.90 -7.29 -16.49
N ASN A 253 21.63 -7.03 -16.79
CA ASN A 253 20.61 -6.80 -15.75
C ASN A 253 20.58 -7.89 -14.67
N GLU A 254 20.48 -9.14 -15.10
CA GLU A 254 20.37 -10.27 -14.18
C GLU A 254 21.70 -10.47 -13.46
N GLU A 255 22.79 -10.27 -14.18
CA GLU A 255 24.08 -10.44 -13.60
C GLU A 255 24.34 -9.42 -12.50
N LEU A 256 23.90 -8.17 -12.70
CA LEU A 256 24.17 -7.13 -11.70
C LEU A 256 23.23 -7.27 -10.52
N CYS A 257 21.97 -7.59 -10.80
CA CYS A 257 21.01 -7.82 -9.70
C CYS A 257 21.44 -8.96 -8.77
N GLU A 258 21.91 -10.05 -9.37
CA GLU A 258 22.36 -11.18 -8.55
CA GLU A 258 22.40 -11.21 -8.60
C GLU A 258 23.64 -10.83 -7.78
N TYR A 259 24.55 -10.07 -8.40
CA TYR A 259 25.78 -9.59 -7.72
C TYR A 259 25.38 -8.76 -6.47
N VAL A 260 24.57 -7.74 -6.69
CA VAL A 260 24.14 -6.85 -5.61
C VAL A 260 23.46 -7.68 -4.52
N LYS A 261 22.56 -8.56 -4.94
CA LYS A 261 21.91 -9.48 -3.99
C LYS A 261 22.93 -10.26 -3.13
N SER A 262 23.96 -10.79 -3.77
CA SER A 262 24.98 -11.53 -3.03
C SER A 262 25.75 -10.61 -2.07
N ARG A 263 25.86 -9.32 -2.40
CA ARG A 263 26.65 -8.42 -1.56
C ARG A 263 25.83 -7.94 -0.37
N LEU A 264 24.53 -7.73 -0.59
CA LEU A 264 23.61 -7.40 0.48
C LEU A 264 23.54 -8.51 1.52
N GLU A 265 23.90 -9.72 1.12
CA GLU A 265 23.97 -10.86 2.07
C GLU A 265 25.06 -10.65 3.11
N VAL A 266 26.11 -9.92 2.76
CA VAL A 266 27.23 -9.76 3.68
C VAL A 266 27.41 -8.34 4.22
N SER A 267 26.78 -7.35 3.56
CA SER A 267 26.92 -5.96 3.97
C SER A 267 25.58 -5.25 3.91
N ASP A 268 25.24 -4.44 4.93
CA ASP A 268 24.09 -3.55 4.76
C ASP A 268 24.49 -2.08 4.50
N ASP A 269 25.78 -1.88 4.26
CA ASP A 269 26.34 -0.58 3.95
C ASP A 269 26.20 -0.36 2.43
N LEU A 270 25.18 0.42 2.04
CA LEU A 270 24.89 0.63 0.62
C LEU A 270 25.97 1.41 -0.13
N GLU A 271 26.66 2.31 0.56
CA GLU A 271 27.82 2.98 -0.05
C GLU A 271 28.85 1.93 -0.41
N ASN A 272 29.13 1.04 0.53
CA ASN A 272 30.09 -0.07 0.33
C ASN A 272 29.71 -1.01 -0.80
N VAL A 273 28.48 -1.49 -0.77
CA VAL A 273 27.92 -2.30 -1.87
C VAL A 273 28.12 -1.57 -3.22
N CYS A 274 27.73 -0.29 -3.28
CA CYS A 274 27.90 0.45 -4.52
C CYS A 274 29.36 0.54 -4.91
N ASN A 275 30.27 0.73 -3.94
CA ASN A 275 31.74 0.77 -4.26
C ASN A 275 32.21 -0.55 -4.82
N TRP A 276 31.68 -1.63 -4.26
CA TRP A 276 32.03 -2.97 -4.74
C TRP A 276 31.60 -3.17 -6.20
N VAL A 277 30.37 -2.74 -6.52
CA VAL A 277 29.89 -2.80 -7.90
C VAL A 277 30.81 -2.08 -8.83
N VAL A 278 31.13 -0.83 -8.46
CA VAL A 278 31.96 -0.01 -9.32
C VAL A 278 33.38 -0.64 -9.59
N ASP A 279 34.04 -1.10 -8.53
CA ASP A 279 35.34 -1.76 -8.60
C ASP A 279 35.25 -3.04 -9.41
N THR A 280 34.16 -3.78 -9.23
CA THR A 280 33.97 -4.99 -10.03
C THR A 280 33.89 -4.65 -11.53
N CYS A 281 33.16 -3.59 -11.87
CA CYS A 281 33.04 -3.22 -13.28
C CYS A 281 34.36 -2.69 -13.84
N LEU A 282 35.12 -1.96 -13.02
CA LEU A 282 36.49 -1.53 -13.40
C LEU A 282 37.43 -2.72 -13.73
N HIS A 283 37.36 -3.76 -12.89
CA HIS A 283 38.15 -5.01 -13.04
C HIS A 283 37.72 -5.80 -14.26
N LYS A 284 36.43 -5.71 -14.61
CA LYS A 284 35.90 -6.29 -15.84
C LYS A 284 36.26 -5.48 -17.07
N GLY A 285 36.90 -4.34 -16.88
CA GLY A 285 37.52 -3.65 -18.00
C GLY A 285 36.83 -2.37 -18.42
N SER A 286 35.82 -1.94 -17.66
CA SER A 286 35.15 -0.68 -18.04
C SER A 286 36.11 0.50 -17.93
N ARG A 287 36.28 1.25 -19.02
CA ARG A 287 37.16 2.42 -19.04
C ARG A 287 36.38 3.74 -18.92
N ASP A 288 35.11 3.65 -18.55
CA ASP A 288 34.26 4.85 -18.47
C ASP A 288 34.24 5.48 -17.07
N ASN A 289 33.75 6.72 -16.96
CA ASN A 289 33.29 7.25 -15.69
C ASN A 289 32.18 6.28 -15.28
N MET A 290 31.95 6.10 -13.98
CA MET A 290 30.88 5.23 -13.52
C MET A 290 30.08 5.87 -12.34
N SER A 291 28.76 5.76 -12.38
CA SER A 291 27.93 6.24 -11.28
C SER A 291 26.86 5.19 -11.08
N ILE A 292 26.65 4.81 -9.83
CA ILE A 292 25.52 3.93 -9.49
C ILE A 292 24.79 4.46 -8.29
N VAL A 293 23.45 4.40 -8.34
CA VAL A 293 22.60 4.66 -7.18
C VAL A 293 21.80 3.37 -6.89
N LEU A 294 21.87 2.92 -5.63
CA LEU A 294 21.14 1.73 -5.20
C LEU A 294 20.07 2.15 -4.19
N VAL A 295 18.80 1.86 -4.52
CA VAL A 295 17.67 2.22 -3.68
C VAL A 295 17.03 0.95 -3.19
N CYS A 296 17.12 0.67 -1.88
CA CYS A 296 16.48 -0.52 -1.28
C CYS A 296 15.15 -0.18 -0.62
N PHE A 297 14.14 -1.05 -0.75
CA PHE A 297 12.85 -0.83 -0.08
C PHE A 297 12.92 -1.54 1.26
N PHE B 6 1.82 -12.27 7.79
CA PHE B 6 2.14 -12.90 9.11
C PHE B 6 3.50 -12.56 9.72
N LEU B 7 3.53 -12.52 11.04
CA LEU B 7 4.76 -12.43 11.82
C LEU B 7 5.56 -13.75 11.84
N ASP B 8 6.82 -13.68 12.27
CA ASP B 8 7.67 -14.88 12.42
C ASP B 8 7.09 -15.83 13.48
N LYS B 9 6.51 -15.23 14.52
CA LYS B 9 5.94 -15.91 15.69
C LYS B 9 4.70 -15.11 16.10
N PRO B 10 3.66 -15.78 16.63
CA PRO B 10 2.45 -14.97 16.88
C PRO B 10 2.62 -14.03 18.07
N LYS B 11 1.98 -12.86 18.02
CA LYS B 11 1.90 -12.01 19.21
C LYS B 11 0.79 -12.60 20.05
N THR B 12 1.14 -13.32 21.11
CA THR B 12 0.13 -14.04 21.90
C THR B 12 -0.40 -13.26 23.10
N GLU B 13 0.11 -12.05 23.25
CA GLU B 13 -0.28 -11.11 24.30
C GLU B 13 -1.77 -10.87 24.22
N LYS B 14 -2.43 -10.96 25.36
CA LYS B 14 -3.86 -10.77 25.41
C LYS B 14 -4.14 -9.41 26.00
N HIS B 15 -5.29 -8.85 25.62
CA HIS B 15 -5.91 -7.77 26.37
C HIS B 15 -7.22 -8.33 26.96
N ASN B 16 -7.45 -8.03 28.25
CA ASN B 16 -8.59 -8.58 28.99
C ASN B 16 -9.41 -7.50 29.68
N ALA B 17 -10.69 -7.79 29.85
CA ALA B 17 -11.55 -6.96 30.70
C ALA B 17 -12.64 -7.83 31.33
N HIS B 18 -13.25 -7.33 32.41
CA HIS B 18 -14.36 -8.08 33.04
C HIS B 18 -15.26 -7.11 33.78
N GLY B 19 -16.46 -7.57 34.13
CA GLY B 19 -17.43 -6.75 34.83
C GLY B 19 -18.64 -7.55 35.27
N ALA B 20 -19.47 -6.92 36.09
CA ALA B 20 -20.68 -7.57 36.61
C ALA B 20 -21.67 -6.50 36.88
N GLY B 21 -22.94 -6.84 36.73
CA GLY B 21 -23.98 -5.90 37.06
C GLY B 21 -25.20 -6.34 36.30
N ASN B 22 -26.36 -5.84 36.71
CA ASN B 22 -27.62 -6.25 36.10
C ASN B 22 -27.81 -7.76 36.05
N GLY B 23 -27.29 -8.46 37.06
CA GLY B 23 -27.39 -9.92 37.16
C GLY B 23 -26.62 -10.68 36.09
N LEU B 24 -25.62 -10.01 35.51
CA LEU B 24 -24.74 -10.57 34.48
C LEU B 24 -23.29 -10.41 34.93
N ARG B 25 -22.42 -11.22 34.36
CA ARG B 25 -20.96 -11.17 34.54
C ARG B 25 -20.41 -11.30 33.12
N TYR B 26 -19.39 -10.52 32.78
CA TYR B 26 -18.71 -10.73 31.50
C TYR B 26 -17.18 -10.79 31.65
N GLY B 27 -16.53 -11.43 30.71
CA GLY B 27 -15.11 -11.25 30.52
C GLY B 27 -14.86 -11.19 29.02
N LEU B 28 -13.68 -10.71 28.62
CA LEU B 28 -13.30 -10.71 27.21
C LEU B 28 -11.79 -10.86 27.08
N SER B 29 -11.38 -11.29 25.89
CA SER B 29 -9.98 -11.43 25.52
C SER B 29 -9.89 -11.02 24.05
N SER B 30 -8.86 -10.22 23.73
CA SER B 30 -8.43 -9.98 22.34
C SER B 30 -6.97 -10.26 22.15
N MET B 31 -6.60 -10.82 20.99
CA MET B 31 -5.20 -11.16 20.72
C MET B 31 -4.91 -10.86 19.27
N GLN B 32 -3.74 -10.31 18.99
CA GLN B 32 -3.31 -10.10 17.58
C GLN B 32 -2.98 -11.40 16.84
N GLY B 33 -2.33 -12.33 17.52
CA GLY B 33 -2.04 -13.61 16.88
C GLY B 33 -0.99 -13.50 15.80
N TRP B 34 -1.19 -14.21 14.71
CA TRP B 34 -0.19 -14.31 13.65
C TRP B 34 -0.12 -13.08 12.73
N ARG B 35 -1.16 -12.25 12.75
CA ARG B 35 -1.30 -11.11 11.82
C ARG B 35 -0.34 -9.97 12.12
N VAL B 36 0.11 -9.27 11.08
CA VAL B 36 1.03 -8.15 11.22
CA VAL B 36 1.04 -8.15 11.27
C VAL B 36 0.36 -6.93 11.85
N GLU B 37 -0.95 -6.82 11.73
CA GLU B 37 -1.64 -5.70 12.38
C GLU B 37 -2.77 -6.22 13.28
N MET B 38 -3.27 -5.33 14.16
CA MET B 38 -4.45 -5.60 14.97
C MET B 38 -5.57 -4.64 14.58
N GLU B 39 -6.69 -5.17 14.15
CA GLU B 39 -7.75 -4.30 13.63
C GLU B 39 -9.13 -4.64 14.29
N ASP B 40 -9.10 -5.35 15.43
CA ASP B 40 -10.34 -5.71 16.13
C ASP B 40 -10.63 -4.62 17.18
N ALA B 41 -11.91 -4.50 17.60
CA ALA B 41 -12.32 -3.67 18.73
C ALA B 41 -13.53 -4.31 19.38
N HIS B 42 -14.00 -3.76 20.51
CA HIS B 42 -15.14 -4.29 21.19
C HIS B 42 -15.78 -3.22 22.08
N THR B 43 -16.97 -3.55 22.55
CA THR B 43 -17.75 -2.68 23.44
C THR B 43 -18.26 -3.61 24.55
N ALA B 44 -18.13 -3.20 25.81
CA ALA B 44 -18.75 -3.95 26.90
C ALA B 44 -19.34 -2.91 27.84
N VAL B 45 -20.65 -2.75 27.80
CA VAL B 45 -21.31 -1.78 28.70
C VAL B 45 -22.40 -2.47 29.55
N VAL B 46 -22.23 -2.46 30.86
CA VAL B 46 -23.30 -2.93 31.77
C VAL B 46 -23.93 -1.74 32.48
N GLY B 47 -25.17 -1.43 32.10
CA GLY B 47 -25.83 -0.23 32.56
C GLY B 47 -25.58 0.88 31.57
N ILE B 48 -26.42 0.96 30.56
CA ILE B 48 -26.33 2.03 29.57
C ILE B 48 -26.75 3.36 30.23
N PRO B 49 -25.88 4.39 30.16
CA PRO B 49 -26.25 5.66 30.85
C PRO B 49 -27.41 6.39 30.19
N HIS B 50 -27.92 7.40 30.92
CA HIS B 50 -28.93 8.35 30.43
C HIS B 50 -30.27 7.68 30.16
N GLY B 51 -30.72 6.86 31.11
CA GLY B 51 -32.03 6.23 31.00
C GLY B 51 -32.12 4.73 30.82
N LEU B 52 -31.01 4.05 30.50
CA LEU B 52 -31.10 2.63 30.19
C LEU B 52 -30.26 1.80 31.13
N GLU B 53 -30.25 2.16 32.41
CA GLU B 53 -29.38 1.56 33.42
C GLU B 53 -29.59 0.06 33.63
N ASP B 54 -30.81 -0.43 33.41
CA ASP B 54 -31.15 -1.85 33.52
CA ASP B 54 -31.04 -1.88 33.57
C ASP B 54 -30.83 -2.65 32.25
N TRP B 55 -30.22 -1.98 31.27
CA TRP B 55 -29.85 -2.62 29.98
C TRP B 55 -28.32 -2.74 29.91
N SER B 56 -27.83 -3.62 29.02
CA SER B 56 -26.40 -3.83 28.80
C SER B 56 -26.16 -4.00 27.31
N PHE B 57 -24.92 -3.78 26.87
CA PHE B 57 -24.60 -3.86 25.43
C PHE B 57 -23.20 -4.39 25.30
N PHE B 58 -23.01 -5.39 24.42
CA PHE B 58 -21.70 -6.03 24.18
C PHE B 58 -21.59 -6.17 22.69
N ALA B 59 -20.39 -5.91 22.15
CA ALA B 59 -20.24 -6.01 20.70
C ALA B 59 -18.81 -6.37 20.40
N VAL B 60 -18.64 -7.01 19.25
CA VAL B 60 -17.33 -7.27 18.69
C VAL B 60 -17.26 -6.73 17.30
N TYR B 61 -16.13 -6.09 16.95
CA TYR B 61 -15.96 -5.48 15.63
C TYR B 61 -14.66 -5.98 14.99
N ASP B 62 -14.81 -6.66 13.86
CA ASP B 62 -13.67 -7.23 13.11
C ASP B 62 -13.35 -6.31 11.94
N GLY B 63 -12.36 -5.46 12.14
CA GLY B 63 -11.96 -4.46 11.11
C GLY B 63 -11.21 -5.12 9.97
N HIS B 64 -11.18 -4.47 8.81
CA HIS B 64 -10.38 -4.92 7.66
C HIS B 64 -9.92 -3.70 6.90
N ALA B 65 -8.75 -3.82 6.26
CA ALA B 65 -8.10 -2.71 5.55
C ALA B 65 -7.87 -1.49 6.47
N GLY B 66 -7.65 -1.73 7.77
CA GLY B 66 -7.42 -0.64 8.71
C GLY B 66 -8.30 -0.79 9.93
N SER B 67 -7.96 -0.02 10.98
CA SER B 67 -8.69 -0.09 12.25
C SER B 67 -9.63 1.10 12.47
N ARG B 68 -9.59 2.10 11.59
CA ARG B 68 -10.33 3.36 11.85
C ARG B 68 -11.84 3.13 12.07
N VAL B 69 -12.46 2.32 11.20
CA VAL B 69 -13.89 2.06 11.31
C VAL B 69 -14.23 1.21 12.55
N ALA B 70 -13.49 0.13 12.73
CA ALA B 70 -13.72 -0.72 13.91
C ALA B 70 -13.56 0.09 15.20
N ASN B 71 -12.48 0.87 15.30
CA ASN B 71 -12.25 1.71 16.48
C ASN B 71 -13.39 2.70 16.71
N TYR B 72 -13.89 3.33 15.64
CA TYR B 72 -14.92 4.36 15.84
C TYR B 72 -16.23 3.71 16.29
N CYS B 73 -16.60 2.58 15.67
CA CYS B 73 -17.83 1.90 16.07
C CYS B 73 -17.77 1.55 17.56
N SER B 74 -16.60 1.11 18.00
CA SER B 74 -16.47 0.56 19.35
C SER B 74 -16.85 1.60 20.42
N THR B 75 -16.63 2.88 20.12
CA THR B 75 -16.92 3.95 21.08
C THR B 75 -18.09 4.86 20.66
N HIS B 76 -18.74 4.57 19.52
CA HIS B 76 -19.86 5.43 19.00
C HIS B 76 -21.14 4.73 18.54
N LEU B 77 -21.06 3.44 18.23
CA LEU B 77 -22.25 2.74 17.74
C LEU B 77 -23.41 2.76 18.75
N LEU B 78 -23.11 2.46 20.00
CA LEU B 78 -24.15 2.47 21.04
C LEU B 78 -24.90 3.81 21.10
N GLU B 79 -24.16 4.91 21.12
CA GLU B 79 -24.69 6.28 21.12
C GLU B 79 -25.58 6.53 19.89
N HIS B 80 -25.12 6.04 18.74
CA HIS B 80 -25.87 6.17 17.51
C HIS B 80 -27.20 5.42 17.50
N ILE B 81 -27.22 4.28 18.17
CA ILE B 81 -28.43 3.46 18.32
C ILE B 81 -29.41 4.10 19.31
N THR B 82 -28.91 4.49 20.48
CA THR B 82 -29.78 4.89 21.60
C THR B 82 -30.28 6.33 21.49
N THR B 83 -29.58 7.17 20.73
CA THR B 83 -29.96 8.58 20.68
C THR B 83 -30.78 8.93 19.45
N ASN B 84 -31.02 8.01 18.53
CA ASN B 84 -31.79 8.43 17.36
C ASN B 84 -33.29 8.48 17.60
N GLU B 85 -34.02 9.21 16.74
CA GLU B 85 -35.46 9.41 16.89
C GLU B 85 -36.30 8.11 16.82
N ASP B 86 -35.77 7.09 16.15
CA ASP B 86 -36.49 5.80 16.03
C ASP B 86 -36.40 4.98 17.32
N PHE B 87 -35.22 5.00 17.94
CA PHE B 87 -35.06 4.40 19.26
C PHE B 87 -35.83 5.22 20.28
N ARG B 88 -35.70 6.55 20.21
CA ARG B 88 -36.41 7.46 21.13
C ARG B 88 -37.88 7.54 20.73
N SER B 100 -40.49 -0.67 23.20
CA SER B 100 -41.10 -1.80 22.52
C SER B 100 -40.14 -2.48 21.55
N VAL B 101 -40.35 -3.78 21.34
CA VAL B 101 -39.46 -4.58 20.49
C VAL B 101 -39.26 -3.90 19.11
N GLU B 102 -40.36 -3.58 18.44
CA GLU B 102 -40.37 -2.88 17.15
C GLU B 102 -39.51 -1.60 17.13
N ASN B 103 -39.71 -0.77 18.14
CA ASN B 103 -38.97 0.47 18.34
C ASN B 103 -37.47 0.22 18.53
N VAL B 104 -37.12 -0.79 19.33
CA VAL B 104 -35.72 -1.14 19.57
C VAL B 104 -35.06 -1.65 18.29
N LYS B 105 -35.73 -2.55 17.58
CA LYS B 105 -35.21 -3.06 16.31
C LYS B 105 -35.02 -1.94 15.26
N ASN B 106 -35.99 -1.04 15.23
CA ASN B 106 -35.96 0.13 14.37
C ASN B 106 -34.80 1.04 14.74
N GLY B 107 -34.66 1.27 16.03
CA GLY B 107 -33.62 2.13 16.57
C GLY B 107 -32.24 1.61 16.25
N ILE B 108 -32.10 0.30 16.29
CA ILE B 108 -30.84 -0.35 15.99
C ILE B 108 -30.49 -0.17 14.51
N ARG B 109 -31.46 -0.39 13.63
CA ARG B 109 -31.24 -0.27 12.20
C ARG B 109 -30.81 1.16 11.81
N THR B 110 -31.59 2.14 12.27
CA THR B 110 -31.29 3.55 12.08
C THR B 110 -29.92 3.90 12.61
N GLY B 111 -29.55 3.36 13.79
CA GLY B 111 -28.20 3.60 14.33
C GLY B 111 -27.07 3.17 13.40
N PHE B 112 -27.19 1.98 12.84
CA PHE B 112 -26.27 1.48 11.84
C PHE B 112 -26.16 2.36 10.61
N LEU B 113 -27.32 2.72 10.07
CA LEU B 113 -27.36 3.53 8.87
C LEU B 113 -26.73 4.92 9.12
N LYS B 114 -27.04 5.53 10.27
CA LYS B 114 -26.52 6.86 10.57
C LYS B 114 -25.02 6.86 10.81
N ILE B 115 -24.53 5.90 11.61
CA ILE B 115 -23.09 5.84 11.84
C ILE B 115 -22.37 5.56 10.52
N ASP B 116 -22.98 4.75 9.65
CA ASP B 116 -22.27 4.39 8.43
C ASP B 116 -22.23 5.64 7.57
N GLU B 117 -23.31 6.43 7.56
CA GLU B 117 -23.31 7.68 6.79
C GLU B 117 -22.31 8.68 7.34
N TYR B 118 -22.25 8.78 8.67
CA TYR B 118 -21.27 9.69 9.25
C TYR B 118 -19.85 9.34 8.86
N MET B 119 -19.46 8.08 9.07
CA MET B 119 -18.05 7.64 8.89
C MET B 119 -17.53 7.69 7.45
N ARG B 120 -18.46 7.92 6.52
CA ARG B 120 -18.10 8.15 5.13
C ARG B 120 -17.05 9.28 5.01
N ASN B 121 -17.19 10.31 5.83
CA ASN B 121 -16.18 11.34 6.01
C ASN B 121 -14.72 10.83 6.10
N PHE B 122 -14.50 9.63 6.66
CA PHE B 122 -13.13 9.11 6.86
C PHE B 122 -12.44 8.89 5.51
N SER B 123 -13.23 8.46 4.52
CA SER B 123 -12.75 8.03 3.20
C SER B 123 -12.47 9.20 2.25
N ASP B 124 -12.95 10.38 2.62
CA ASP B 124 -12.73 11.58 1.83
C ASP B 124 -11.24 11.91 1.64
N LEU B 125 -10.92 12.50 0.47
CA LEU B 125 -9.53 12.89 0.13
C LEU B 125 -8.81 13.66 1.25
N ARG B 126 -9.46 14.70 1.78
CA ARG B 126 -8.88 15.58 2.81
C ARG B 126 -8.77 14.93 4.20
N ASN B 127 -9.48 13.81 4.39
CA ASN B 127 -9.63 13.17 5.71
C ASN B 127 -8.79 11.93 5.91
N GLY B 128 -7.80 11.76 5.03
CA GLY B 128 -6.90 10.59 5.07
C GLY B 128 -7.16 9.53 4.00
N MET B 129 -8.25 9.66 3.25
CA MET B 129 -8.64 8.64 2.24
C MET B 129 -8.63 7.25 2.88
N ASP B 130 -9.32 7.12 3.99
CA ASP B 130 -9.40 5.84 4.66
C ASP B 130 -10.10 4.81 3.77
N ARG B 131 -9.70 3.54 3.82
CA ARG B 131 -10.48 2.51 3.13
C ARG B 131 -10.83 1.29 3.99
N SER B 132 -10.81 1.48 5.30
CA SER B 132 -11.13 0.42 6.25
C SER B 132 -12.64 0.14 6.30
N GLY B 133 -12.99 -1.02 6.82
CA GLY B 133 -14.35 -1.31 7.19
C GLY B 133 -14.34 -2.23 8.40
N SER B 134 -15.53 -2.61 8.86
CA SER B 134 -15.68 -3.49 10.02
C SER B 134 -16.97 -4.27 9.99
N THR B 135 -16.90 -5.52 10.43
CA THR B 135 -18.14 -6.20 10.78
C THR B 135 -18.57 -5.64 12.12
N ALA B 136 -19.80 -5.96 12.53
CA ALA B 136 -20.21 -5.69 13.90
C ALA B 136 -21.15 -6.83 14.25
N VAL B 137 -21.00 -7.36 15.46
CA VAL B 137 -21.98 -8.29 16.06
C VAL B 137 -22.16 -7.84 17.51
N GLY B 138 -23.38 -7.91 17.98
CA GLY B 138 -23.61 -7.48 19.34
C GLY B 138 -24.86 -8.07 19.91
N VAL B 139 -25.04 -7.82 21.20
CA VAL B 139 -26.29 -8.06 21.90
C VAL B 139 -26.61 -6.87 22.75
N MET B 140 -27.87 -6.45 22.67
CA MET B 140 -28.44 -5.45 23.56
C MET B 140 -29.36 -6.24 24.50
N ILE B 141 -29.11 -6.15 25.81
CA ILE B 141 -29.81 -7.01 26.75
C ILE B 141 -30.64 -6.11 27.66
N SER B 142 -31.97 -6.19 27.51
CA SER B 142 -32.91 -5.48 28.35
C SER B 142 -33.39 -6.41 29.49
N PRO B 143 -34.18 -5.90 30.45
CA PRO B 143 -34.76 -6.82 31.44
C PRO B 143 -35.55 -7.99 30.85
N LYS B 144 -36.21 -7.80 29.71
CA LYS B 144 -37.06 -8.86 29.13
C LYS B 144 -36.47 -9.65 27.97
N HIS B 145 -35.65 -9.00 27.14
CA HIS B 145 -35.22 -9.58 25.85
C HIS B 145 -33.72 -9.51 25.65
N ILE B 146 -33.19 -10.38 24.79
CA ILE B 146 -31.85 -10.23 24.26
C ILE B 146 -32.07 -9.91 22.79
N TYR B 147 -31.49 -8.80 22.31
CA TYR B 147 -31.55 -8.46 20.89
C TYR B 147 -30.22 -8.82 20.26
N PHE B 148 -30.21 -9.86 19.43
CA PHE B 148 -29.01 -10.19 18.67
C PHE B 148 -28.91 -9.29 17.45
N ILE B 149 -27.71 -8.77 17.23
CA ILE B 149 -27.51 -7.79 16.17
C ILE B 149 -26.33 -8.26 15.33
N ASN B 150 -26.52 -8.37 14.03
CA ASN B 150 -25.38 -8.78 13.21
C ASN B 150 -25.24 -8.05 11.90
N CYS B 151 -23.99 -7.75 11.55
CA CYS B 151 -23.65 -7.11 10.29
C CYS B 151 -22.26 -7.63 9.94
N GLY B 152 -22.21 -8.68 9.11
CA GLY B 152 -20.93 -9.24 8.72
C GLY B 152 -20.83 -10.72 9.06
N ASP B 153 -19.62 -11.18 9.30
CA ASP B 153 -19.38 -12.60 9.58
C ASP B 153 -18.68 -12.82 10.92
N SER B 154 -18.81 -11.87 11.84
CA SER B 154 -18.61 -12.19 13.23
C SER B 154 -19.95 -12.81 13.64
N ARG B 155 -20.04 -13.33 14.85
CA ARG B 155 -21.19 -14.20 15.21
C ARG B 155 -21.42 -14.21 16.72
N ALA B 156 -22.68 -14.21 17.11
CA ALA B 156 -23.04 -14.39 18.54
C ALA B 156 -23.94 -15.59 18.68
N VAL B 157 -23.81 -16.28 19.81
CA VAL B 157 -24.62 -17.46 20.08
CA VAL B 157 -24.62 -17.47 20.08
C VAL B 157 -25.15 -17.45 21.52
N LEU B 158 -26.40 -17.94 21.71
CA LEU B 158 -26.98 -18.07 23.03
C LEU B 158 -26.98 -19.56 23.46
N TYR B 159 -26.46 -19.81 24.66
CA TYR B 159 -26.44 -21.16 25.25
C TYR B 159 -27.44 -21.14 26.37
N ARG B 160 -28.44 -21.99 26.22
CA ARG B 160 -29.55 -22.11 27.12
C ARG B 160 -29.76 -23.62 27.41
N ASN B 161 -29.77 -23.97 28.69
CA ASN B 161 -29.90 -25.37 29.16
C ASN B 161 -28.97 -26.36 28.48
N GLY B 162 -27.68 -26.08 28.51
CA GLY B 162 -26.69 -26.99 27.96
C GLY B 162 -26.85 -27.30 26.49
N GLN B 163 -27.52 -26.38 25.77
CA GLN B 163 -27.76 -26.45 24.32
C GLN B 163 -27.59 -25.09 23.65
N VAL B 164 -26.98 -25.08 22.44
CA VAL B 164 -27.03 -23.87 21.59
C VAL B 164 -28.50 -23.61 21.19
N CYS B 165 -28.99 -22.46 21.61
CA CYS B 165 -30.37 -22.11 21.44
C CYS B 165 -30.60 -21.23 20.18
N PHE B 166 -29.68 -20.32 19.93
CA PHE B 166 -29.76 -19.37 18.82
C PHE B 166 -28.35 -18.96 18.35
N SER B 167 -28.19 -18.79 17.04
CA SER B 167 -26.99 -18.19 16.49
C SER B 167 -27.37 -17.16 15.43
N THR B 168 -26.64 -16.05 15.40
CA THR B 168 -26.72 -15.10 14.27
C THR B 168 -26.27 -15.84 12.98
N GLN B 169 -26.76 -15.41 11.81
CA GLN B 169 -26.31 -16.00 10.54
C GLN B 169 -25.28 -15.10 9.87
N ASP B 170 -24.13 -15.68 9.53
CA ASP B 170 -23.03 -14.95 8.87
C ASP B 170 -23.49 -14.35 7.54
N HIS B 171 -23.02 -13.14 7.23
CA HIS B 171 -23.36 -12.46 5.97
C HIS B 171 -22.24 -12.72 4.99
N LYS B 172 -22.44 -13.77 4.19
CA LYS B 172 -21.50 -14.20 3.16
C LYS B 172 -22.07 -13.89 1.80
N PRO B 173 -21.20 -13.43 0.87
CA PRO B 173 -21.65 -13.06 -0.48
C PRO B 173 -22.33 -14.20 -1.23
N CYS B 174 -21.98 -15.46 -0.94
CA CYS B 174 -22.63 -16.60 -1.59
C CYS B 174 -24.05 -16.80 -1.12
N ASN B 175 -24.36 -16.25 0.06
CA ASN B 175 -25.72 -16.45 0.58
C ASN B 175 -26.69 -15.92 -0.45
N PRO B 176 -27.74 -16.71 -0.78
CA PRO B 176 -28.66 -16.34 -1.88
C PRO B 176 -29.18 -14.91 -1.91
N ARG B 177 -29.76 -14.39 -0.83
CA ARG B 177 -30.32 -13.05 -0.87
C ARG B 177 -29.23 -11.96 -0.94
N GLU B 178 -28.04 -12.31 -0.46
CA GLU B 178 -26.86 -11.40 -0.50
C GLU B 178 -26.30 -11.33 -1.92
N LYS B 179 -26.12 -12.51 -2.53
CA LYS B 179 -25.61 -12.61 -3.90
C LYS B 179 -26.56 -11.83 -4.82
N GLU B 180 -27.86 -11.98 -4.58
CA GLU B 180 -28.87 -11.25 -5.37
C GLU B 180 -28.73 -9.72 -5.25
N ARG B 181 -28.57 -9.21 -4.02
CA ARG B 181 -28.38 -7.76 -3.82
C ARG B 181 -27.14 -7.27 -4.58
N ILE B 182 -26.03 -8.02 -4.49
CA ILE B 182 -24.76 -7.67 -5.14
C ILE B 182 -24.91 -7.62 -6.67
N GLN B 183 -25.52 -8.66 -7.23
CA GLN B 183 -25.80 -8.69 -8.67
C GLN B 183 -26.72 -7.55 -9.09
N ASN B 184 -27.74 -7.25 -8.28
CA ASN B 184 -28.71 -6.17 -8.61
C ASN B 184 -28.09 -4.78 -8.52
N ALA B 185 -26.97 -4.70 -7.82
CA ALA B 185 -26.17 -3.46 -7.66
C ALA B 185 -25.12 -3.42 -8.75
N GLY B 186 -25.18 -4.39 -9.65
CA GLY B 186 -24.25 -4.48 -10.77
C GLY B 186 -22.94 -5.21 -10.49
N GLY B 187 -22.85 -5.88 -9.34
CA GLY B 187 -21.59 -6.55 -8.99
C GLY B 187 -21.66 -8.03 -9.33
N SER B 188 -20.64 -8.77 -8.96
CA SER B 188 -20.73 -10.23 -9.01
C SER B 188 -19.99 -10.88 -7.87
N VAL B 189 -20.41 -12.09 -7.55
CA VAL B 189 -19.71 -12.89 -6.55
C VAL B 189 -18.68 -13.74 -7.29
N MET B 190 -17.43 -13.49 -6.99
CA MET B 190 -16.30 -14.08 -7.69
C MET B 190 -15.44 -14.65 -6.59
N ILE B 191 -15.08 -15.91 -6.76
CA ILE B 191 -14.45 -16.71 -5.71
C ILE B 191 -14.99 -16.39 -4.31
N GLN B 192 -16.33 -16.41 -4.20
CA GLN B 192 -17.07 -16.35 -2.93
C GLN B 192 -16.98 -14.96 -2.25
N ARG B 193 -16.55 -13.97 -3.04
CA ARG B 193 -16.25 -12.61 -2.58
C ARG B 193 -16.93 -11.57 -3.45
N VAL B 194 -17.22 -10.42 -2.84
CA VAL B 194 -17.85 -9.29 -3.53
C VAL B 194 -16.89 -8.78 -4.58
N ASN B 195 -17.23 -8.95 -5.86
CA ASN B 195 -16.34 -8.50 -6.93
C ASN B 195 -14.94 -9.12 -6.82
N GLY B 196 -14.87 -10.33 -6.26
CA GLY B 196 -13.60 -11.02 -6.06
C GLY B 196 -12.69 -10.53 -4.94
N SER B 197 -13.14 -9.54 -4.13
CA SER B 197 -12.34 -9.03 -3.03
C SER B 197 -12.92 -9.22 -1.65
N LEU B 198 -14.03 -8.55 -1.38
CA LEU B 198 -14.53 -8.49 0.01
C LEU B 198 -15.18 -9.82 0.37
N ALA B 199 -14.81 -10.37 1.53
CA ALA B 199 -15.28 -11.68 1.99
C ALA B 199 -16.55 -11.67 2.85
N VAL B 200 -17.08 -10.48 3.10
CA VAL B 200 -18.36 -10.30 3.74
C VAL B 200 -19.24 -9.46 2.83
N SER B 201 -20.55 -9.64 2.95
CA SER B 201 -21.55 -8.95 2.15
C SER B 201 -22.19 -7.78 2.90
N ARG B 202 -21.90 -7.66 4.20
CA ARG B 202 -22.36 -6.52 4.98
C ARG B 202 -21.25 -6.13 5.93
N ALA B 203 -21.02 -4.82 6.02
CA ALA B 203 -19.95 -4.24 6.86
C ALA B 203 -20.27 -2.75 7.00
N LEU B 204 -19.76 -2.16 8.08
CA LEU B 204 -19.72 -0.70 8.18
C LEU B 204 -18.44 -0.25 7.48
N GLY B 205 -18.43 0.96 6.97
CA GLY B 205 -17.26 1.40 6.21
C GLY B 205 -17.24 0.80 4.82
N ASP B 206 -16.04 0.48 4.30
CA ASP B 206 -15.90 -0.05 2.93
C ASP B 206 -16.61 0.74 1.83
N TYR B 207 -16.36 2.05 1.75
CA TYR B 207 -17.18 2.92 0.90
C TYR B 207 -16.96 2.72 -0.61
N ASP B 208 -15.84 2.09 -0.99
CA ASP B 208 -15.66 1.74 -2.40
C ASP B 208 -16.81 0.86 -2.89
N TYR B 209 -17.45 0.15 -1.94
CA TYR B 209 -18.55 -0.75 -2.27
C TYR B 209 -19.91 -0.10 -2.06
N LYS B 210 -19.93 1.20 -1.80
CA LYS B 210 -21.17 1.87 -1.44
C LYS B 210 -21.35 3.14 -2.28
N CYS B 211 -20.93 3.05 -3.53
CA CYS B 211 -21.02 4.17 -4.48
C CYS B 211 -21.84 3.84 -5.72
N VAL B 212 -22.73 2.84 -5.63
CA VAL B 212 -23.54 2.49 -6.82
C VAL B 212 -24.63 3.55 -7.05
N ASP B 213 -24.62 4.18 -8.25
CA ASP B 213 -25.70 5.11 -8.62
C ASP B 213 -27.09 4.50 -8.46
N GLY B 214 -28.05 5.32 -8.04
CA GLY B 214 -29.46 4.91 -8.06
C GLY B 214 -29.89 3.90 -7.00
N LYS B 215 -29.01 3.60 -6.04
CA LYS B 215 -29.32 2.63 -4.98
C LYS B 215 -29.26 3.25 -3.55
N GLY B 216 -30.18 2.87 -2.67
CA GLY B 216 -30.15 3.34 -1.27
C GLY B 216 -29.01 2.66 -0.53
N PRO B 217 -28.76 3.09 0.72
CA PRO B 217 -27.61 2.48 1.45
C PRO B 217 -27.77 0.94 1.61
N THR B 218 -29.01 0.46 1.73
CA THR B 218 -29.22 -0.97 1.98
C THR B 218 -29.24 -1.81 0.70
N GLU B 219 -29.13 -1.11 -0.44
CA GLU B 219 -29.15 -1.74 -1.75
C GLU B 219 -27.77 -1.74 -2.41
N GLN B 220 -26.75 -1.32 -1.67
CA GLN B 220 -25.38 -1.24 -2.22
C GLN B 220 -24.71 -2.60 -2.34
N LEU B 221 -23.52 -2.63 -2.96
CA LEU B 221 -22.73 -3.85 -3.11
C LEU B 221 -22.43 -4.48 -1.74
N VAL B 222 -22.09 -3.63 -0.79
CA VAL B 222 -21.95 -4.03 0.62
C VAL B 222 -22.95 -3.20 1.41
N SER B 223 -23.75 -3.86 2.23
CA SER B 223 -24.78 -3.16 2.99
C SER B 223 -24.39 -3.02 4.48
N PRO B 224 -24.71 -1.86 5.10
CA PRO B 224 -24.55 -1.65 6.54
C PRO B 224 -25.78 -2.06 7.31
N GLU B 225 -26.80 -2.60 6.63
CA GLU B 225 -28.05 -2.88 7.33
C GLU B 225 -27.84 -4.10 8.24
N PRO B 226 -28.11 -3.95 9.55
CA PRO B 226 -27.97 -5.09 10.45
C PRO B 226 -29.20 -6.00 10.40
N GLU B 227 -29.01 -7.27 10.74
CA GLU B 227 -30.14 -8.14 11.06
C GLU B 227 -30.32 -8.18 12.57
N VAL B 228 -31.55 -8.01 13.02
CA VAL B 228 -31.81 -7.93 14.46
C VAL B 228 -32.86 -9.00 14.79
N TYR B 229 -32.61 -9.76 15.84
CA TYR B 229 -33.47 -10.87 16.22
C TYR B 229 -33.62 -10.82 17.73
N GLU B 230 -34.84 -10.59 18.20
CA GLU B 230 -35.11 -10.51 19.64
C GLU B 230 -35.50 -11.89 20.19
N ILE B 231 -35.07 -12.17 21.41
CA ILE B 231 -35.36 -13.43 22.07
C ILE B 231 -35.85 -13.11 23.48
N LEU B 232 -37.00 -13.65 23.86
CA LEU B 232 -37.46 -13.47 25.23
C LEU B 232 -36.49 -14.19 26.18
N ARG B 233 -36.03 -13.48 27.20
CA ARG B 233 -35.12 -14.06 28.17
C ARG B 233 -35.80 -15.17 28.98
N ALA B 234 -35.03 -16.17 29.35
CA ALA B 234 -35.52 -17.30 30.13
C ALA B 234 -34.61 -17.56 31.31
N GLU B 235 -35.14 -18.25 32.32
CA GLU B 235 -34.33 -18.67 33.48
C GLU B 235 -33.19 -19.61 33.12
N GLU B 236 -33.35 -20.41 32.07
CA GLU B 236 -32.29 -21.35 31.66
C GLU B 236 -31.20 -20.73 30.81
N ASP B 237 -31.32 -19.43 30.50
CA ASP B 237 -30.21 -18.70 29.84
C ASP B 237 -28.92 -18.92 30.65
N GLU B 238 -27.87 -19.39 29.99
CA GLU B 238 -26.60 -19.65 30.63
C GLU B 238 -25.54 -18.64 30.22
N PHE B 239 -25.22 -18.59 28.93
CA PHE B 239 -24.28 -17.60 28.46
C PHE B 239 -24.47 -17.24 26.99
N ILE B 240 -23.90 -16.08 26.63
CA ILE B 240 -23.77 -15.69 25.24
C ILE B 240 -22.31 -15.53 24.90
N ILE B 241 -21.93 -15.96 23.70
CA ILE B 241 -20.54 -15.77 23.23
C ILE B 241 -20.60 -14.86 22.00
N LEU B 242 -19.78 -13.81 21.99
CA LEU B 242 -19.62 -12.96 20.79
C LEU B 242 -18.18 -13.17 20.34
N ALA B 243 -17.95 -13.52 19.09
CA ALA B 243 -16.57 -13.63 18.60
C ALA B 243 -16.52 -13.39 17.10
N ASP B 245 -14.59 -14.18 13.13
CA ASP B 245 -14.37 -15.38 12.32
C ASP B 245 -13.03 -16.09 12.59
N GLY B 246 -12.07 -15.36 13.16
CA GLY B 246 -10.80 -15.95 13.63
C GLY B 246 -11.01 -17.09 14.63
N ILE B 247 -12.11 -17.04 15.39
CA ILE B 247 -12.51 -18.09 16.32
C ILE B 247 -13.38 -19.11 15.57
N TRP B 248 -14.45 -18.61 14.96
CA TRP B 248 -15.43 -19.47 14.30
C TRP B 248 -14.90 -20.30 13.13
N ASP B 249 -13.84 -19.84 12.46
CA ASP B 249 -13.19 -20.66 11.39
C ASP B 249 -12.67 -22.00 11.90
N VAL B 250 -12.30 -22.09 13.18
CA VAL B 250 -11.67 -23.30 13.73
C VAL B 250 -12.52 -24.06 14.77
N MET B 251 -13.58 -23.43 15.26
CA MET B 251 -14.48 -24.09 16.23
C MET B 251 -15.95 -23.75 15.93
N SER B 252 -16.81 -24.76 15.78
CA SER B 252 -18.23 -24.50 15.46
C SER B 252 -18.96 -23.97 16.68
N ASN B 253 -20.22 -23.52 16.51
CA ASN B 253 -21.03 -23.07 17.64
C ASN B 253 -21.12 -24.11 18.75
N GLU B 254 -21.47 -25.34 18.39
CA GLU B 254 -21.64 -26.43 19.33
C GLU B 254 -20.34 -26.84 20.03
N GLU B 255 -19.24 -26.93 19.29
CA GLU B 255 -17.94 -27.25 19.92
C GLU B 255 -17.49 -26.18 20.89
N LEU B 256 -17.61 -24.92 20.50
CA LEU B 256 -17.18 -23.83 21.39
C LEU B 256 -18.03 -23.72 22.67
N CYS B 257 -19.36 -23.80 22.53
CA CYS B 257 -20.25 -23.77 23.71
C CYS B 257 -19.96 -24.93 24.65
N GLU B 258 -19.73 -26.13 24.09
CA GLU B 258 -19.33 -27.27 24.92
C GLU B 258 -17.99 -26.99 25.62
N TYR B 259 -17.01 -26.50 24.85
CA TYR B 259 -15.71 -26.13 25.39
C TYR B 259 -15.83 -25.11 26.53
N VAL B 260 -16.50 -23.99 26.25
CA VAL B 260 -16.74 -22.97 27.29
C VAL B 260 -17.39 -23.58 28.54
N LYS B 261 -18.45 -24.36 28.36
CA LYS B 261 -19.09 -25.02 29.52
C LYS B 261 -18.10 -25.86 30.37
N SER B 262 -17.23 -26.61 29.69
CA SER B 262 -16.26 -27.46 30.35
C SER B 262 -15.25 -26.64 31.13
N ARG B 263 -14.85 -25.49 30.58
CA ARG B 263 -13.89 -24.63 31.23
C ARG B 263 -14.49 -23.91 32.42
N LEU B 264 -15.77 -23.56 32.31
CA LEU B 264 -16.48 -22.92 33.45
C LEU B 264 -16.62 -23.87 34.66
N GLU B 265 -16.50 -25.16 34.40
CA GLU B 265 -16.47 -26.17 35.43
C GLU B 265 -15.21 -26.04 36.29
N VAL B 266 -14.06 -25.70 35.67
CA VAL B 266 -12.81 -25.58 36.44
C VAL B 266 -12.44 -24.13 36.85
N SER B 267 -12.97 -23.12 36.17
CA SER B 267 -12.62 -21.72 36.45
C SER B 267 -13.81 -20.83 36.40
N ASP B 268 -13.93 -19.94 37.37
CA ASP B 268 -14.99 -18.94 37.23
C ASP B 268 -14.42 -17.53 36.91
N ASP B 269 -13.15 -17.48 36.57
CA ASP B 269 -12.51 -16.28 36.06
C ASP B 269 -12.84 -16.17 34.55
N LEU B 270 -13.75 -15.27 34.16
CA LEU B 270 -14.19 -15.19 32.75
C LEU B 270 -13.09 -14.74 31.80
N GLU B 271 -12.19 -13.90 32.29
CA GLU B 271 -11.02 -13.51 31.50
C GLU B 271 -10.19 -14.72 31.15
N ASN B 272 -9.96 -15.56 32.15
CA ASN B 272 -9.15 -16.74 31.96
C ASN B 272 -9.81 -17.69 30.93
N VAL B 273 -11.13 -17.87 31.04
CA VAL B 273 -11.84 -18.76 30.11
C VAL B 273 -11.68 -18.23 28.67
N CYS B 274 -11.86 -16.92 28.47
CA CYS B 274 -11.70 -16.30 27.15
C CYS B 274 -10.28 -16.54 26.66
N ASN B 275 -9.27 -16.33 27.54
CA ASN B 275 -7.87 -16.61 27.15
C ASN B 275 -7.65 -18.05 26.67
N TRP B 276 -8.33 -18.98 27.32
CA TRP B 276 -8.22 -20.39 27.00
C TRP B 276 -8.83 -20.69 25.65
N VAL B 277 -9.94 -20.03 25.35
CA VAL B 277 -10.61 -20.16 24.03
C VAL B 277 -9.69 -19.68 22.92
N VAL B 278 -9.13 -18.51 23.11
CA VAL B 278 -8.28 -17.86 22.12
C VAL B 278 -7.02 -18.69 21.87
N ASP B 279 -6.37 -19.12 22.95
CA ASP B 279 -5.20 -20.01 22.84
C ASP B 279 -5.49 -21.34 22.15
N THR B 280 -6.63 -21.92 22.46
CA THR B 280 -7.10 -23.15 21.80
C THR B 280 -7.27 -22.95 20.30
N CYS B 281 -7.90 -21.84 19.91
CA CYS B 281 -8.13 -21.56 18.49
C CYS B 281 -6.80 -21.34 17.77
N LEU B 282 -5.85 -20.70 18.45
CA LEU B 282 -4.50 -20.50 17.88
C LEU B 282 -3.81 -21.85 17.65
N HIS B 283 -3.92 -22.69 18.68
CA HIS B 283 -3.36 -24.03 18.67
C HIS B 283 -4.01 -24.80 17.50
N LYS B 284 -5.31 -24.58 17.26
CA LYS B 284 -6.01 -25.25 16.17
C LYS B 284 -5.69 -24.70 14.77
N GLY B 285 -4.86 -23.65 14.70
CA GLY B 285 -4.32 -23.16 13.44
C GLY B 285 -4.84 -21.81 12.94
N SER B 286 -5.62 -21.11 13.75
CA SER B 286 -6.19 -19.82 13.31
C SER B 286 -5.07 -18.78 13.24
N ARG B 287 -5.00 -18.09 12.10
CA ARG B 287 -3.92 -17.16 11.82
C ARG B 287 -4.36 -15.71 11.86
N ASP B 288 -5.55 -15.51 12.41
CA ASP B 288 -6.25 -14.19 12.39
C ASP B 288 -6.15 -13.51 13.76
N ASN B 289 -6.45 -12.20 13.83
CA ASN B 289 -6.70 -11.56 15.11
C ASN B 289 -7.95 -12.24 15.70
N MET B 290 -8.07 -12.29 17.02
CA MET B 290 -9.20 -12.94 17.65
C MET B 290 -9.66 -12.08 18.78
N SER B 291 -10.97 -11.94 18.90
CA SER B 291 -11.61 -11.30 20.04
C SER B 291 -12.85 -12.11 20.41
N ILE B 292 -13.07 -12.25 21.71
CA ILE B 292 -14.21 -12.94 22.28
C ILE B 292 -14.75 -12.21 23.53
N VAL B 293 -16.06 -12.13 23.60
CA VAL B 293 -16.78 -11.60 24.77
C VAL B 293 -17.70 -12.72 25.26
N LEU B 294 -17.56 -13.08 26.53
CA LEU B 294 -18.36 -14.11 27.18
C LEU B 294 -19.25 -13.45 28.25
N VAL B 295 -20.55 -13.57 28.10
CA VAL B 295 -21.51 -12.93 29.01
C VAL B 295 -22.27 -14.08 29.68
N CYS B 296 -22.12 -14.19 31.01
CA CYS B 296 -22.81 -15.21 31.78
C CYS B 296 -23.99 -14.62 32.56
N PHE B 297 -25.12 -15.32 32.57
CA PHE B 297 -26.28 -14.94 33.37
C PHE B 297 -26.21 -15.47 34.81
#